data_8TIS
#
_entry.id   8TIS
#
_cell.length_a   73.815
_cell.length_b   131.265
_cell.length_c   133.297
_cell.angle_alpha   90.000
_cell.angle_beta   90.000
_cell.angle_gamma   90.000
#
_symmetry.space_group_name_H-M   'I 2 2 2'
#
loop_
_entity.id
_entity.type
_entity.pdbx_description
1 polymer "DNA(5'-D(CP*CP*CP*GP*GP*AP*CP*CP*TP*GP*TP*GP*AP*CP*AP*AP*AP*TP*TP*GP*CP*CP*CP*TP*CP*AP*GP*AP*CP*GP*GP*A)-')|"
2 polymer "DNA (5'-D(GP*CP*CP*GP*TP*CP*TP*GP*AP*GP*GP*GP*CP*AP*AP*TP*TP*TP*GP*TP*CP*AP*CP*AP*GP*GP*TP*CP*CP*GP*GP*A)-3')"
3 polymer 'Replication initiation protein'
4 non-polymer 'MAGNESIUM ION'
5 water water
#
loop_
_entity_poly.entity_id
_entity_poly.type
_entity_poly.pdbx_seq_one_letter_code
_entity_poly.pdbx_strand_id
1 'polydeoxyribonucleotide'
;(DC)(DC)(DC)(DG)(DG)(DA)(DC)(DC)(DT)(DG)(DT)(DG)(DA)(DC)(DA)(DA)(DA)(DT)(DT)(DG)
(DC)(DC)(DC)(DT)(DC)(DA)(DG)(DA)(DC)(DG)(DG)(DA)
;
A
2 'polydeoxyribonucleotide'
;(DG)(DC)(DC)(DG)(DT)(DC)(DT)(DG)(DA)(DG)(DG)(DG)(DC)(DA)(DA)(DT)(DT)(DT)(DG)(DT)
(DC)(DA)(DC)(DA)(DG)(DG)(DT)(DC)(DC)(DG)(DG)(DA)
;
B
3 'polypeptide(L)'
;MRGSHHHHHHGSMAETAVINHKKRKNSPRIVQSNDLTEAAYSLSRDQKRMLYLFVDQIRKSDGTLQEHDGICEIHVAKYA
EIFGLTSAEASKDIRQALKSFAGKEVVFYRPEEDAGDEKGYESFPWFIKPAHSPSRGLYSVHINPYLIPFFIGLQNRFTQ
FRLSETKEITNPYAMRLYESLCQYRKPDGSGIVSLKIDWIIERYQLPQSYQRMPDFRRRFLQVCVNEINSRTPMRLSYIE
KKKGRQTTHIVFSFRDITSMTTG
;
C
#
loop_
_chem_comp.id
_chem_comp.type
_chem_comp.name
_chem_comp.formula
DA DNA linking 2'-DEOXYADENOSINE-5'-MONOPHOSPHATE 'C10 H14 N5 O6 P'
DC DNA linking 2'-DEOXYCYTIDINE-5'-MONOPHOSPHATE 'C9 H14 N3 O7 P'
DG DNA linking 2'-DEOXYGUANOSINE-5'-MONOPHOSPHATE 'C10 H14 N5 O7 P'
DT DNA linking THYMIDINE-5'-MONOPHOSPHATE 'C10 H15 N2 O8 P'
MG non-polymer 'MAGNESIUM ION' 'Mg 2'
#
# COMPACT_ATOMS: atom_id res chain seq x y z
N ASN C 26 11.52 -3.41 -17.22
CA ASN C 26 12.16 -4.57 -16.56
C ASN C 26 11.48 -5.18 -15.28
N SER C 27 10.24 -4.82 -14.92
CA SER C 27 9.59 -5.52 -13.83
C SER C 27 8.11 -5.20 -13.88
N PRO C 28 7.27 -5.97 -13.18
CA PRO C 28 5.81 -5.82 -13.35
C PRO C 28 5.37 -4.40 -13.02
N ARG C 29 4.53 -3.85 -13.90
CA ARG C 29 3.99 -2.52 -13.70
C ARG C 29 2.64 -2.62 -12.99
N ILE C 30 2.61 -2.27 -11.70
CA ILE C 30 1.36 -2.22 -10.95
C ILE C 30 0.59 -0.99 -11.39
N VAL C 31 -0.70 -1.16 -11.67
CA VAL C 31 -1.59 -0.01 -11.85
C VAL C 31 -2.84 -0.29 -11.02
N GLN C 32 -3.44 0.78 -10.50
CA GLN C 32 -4.63 0.60 -9.68
C GLN C 32 -5.47 1.88 -9.72
N SER C 33 -6.78 1.70 -9.58
CA SER C 33 -7.70 2.81 -9.45
C SER C 33 -7.36 3.71 -8.28
N ASN C 34 -7.50 5.02 -8.49
CA ASN C 34 -7.32 5.95 -7.37
C ASN C 34 -8.22 5.59 -6.22
N ASP C 35 -9.35 4.93 -6.49
CA ASP C 35 -10.25 4.58 -5.40
C ASP C 35 -9.59 3.67 -4.39
N LEU C 36 -8.67 2.83 -4.85
CA LEU C 36 -7.92 1.99 -3.94
C LEU C 36 -6.79 2.75 -3.26
N THR C 37 -6.11 3.64 -4.01
CA THR C 37 -5.04 4.46 -3.44
C THR C 37 -5.53 5.25 -2.24
N GLU C 38 -6.78 5.71 -2.29
CA GLU C 38 -7.37 6.55 -1.28
C GLU C 38 -8.38 5.83 -0.37
N ALA C 39 -8.47 4.50 -0.43
CA ALA C 39 -9.40 3.77 0.43
C ALA C 39 -8.92 3.71 1.89
N ALA C 40 -9.84 3.45 2.80
CA ALA C 40 -9.52 3.27 4.22
C ALA C 40 -9.39 1.78 4.55
N TYR C 41 -8.20 1.39 5.00
CA TYR C 41 -7.92 0.01 5.37
C TYR C 41 -6.64 -0.05 6.21
N SER C 42 -6.42 -1.21 6.82
CA SER C 42 -5.27 -1.52 7.65
C SER C 42 -4.67 -2.84 7.18
N LEU C 43 -3.55 -2.79 6.47
CA LEU C 43 -2.87 -4.01 6.02
C LEU C 43 -1.40 -3.98 6.43
N SER C 44 -0.83 -5.15 6.70
CA SER C 44 0.60 -5.27 6.97
C SER C 44 1.44 -5.17 5.68
N ARG C 45 2.76 -5.07 5.86
CA ARG C 45 3.66 -5.08 4.72
C ARG C 45 3.46 -6.34 3.89
N ASP C 46 3.51 -7.51 4.55
CA ASP C 46 3.37 -8.79 3.85
C ASP C 46 2.03 -8.88 3.13
N GLN C 47 0.96 -8.42 3.77
CA GLN C 47 -0.35 -8.44 3.12
C GLN C 47 -0.39 -7.50 1.92
N LYS C 48 0.19 -6.29 2.05
CA LYS C 48 0.22 -5.37 0.92
C LYS C 48 1.05 -5.92 -0.24
N ARG C 49 2.14 -6.64 0.06
CA ARG C 49 2.95 -7.26 -0.98
C ARG C 49 2.14 -8.26 -1.80
N MET C 50 1.44 -9.16 -1.12
CA MET C 50 0.55 -10.10 -1.77
C MET C 50 -0.51 -9.33 -2.58
N LEU C 51 -1.03 -8.25 -2.01
CA LEU C 51 -2.11 -7.53 -2.68
C LEU C 51 -1.67 -7.00 -4.05
N TYR C 52 -0.40 -6.63 -4.21
CA TYR C 52 0.05 -6.15 -5.51
C TYR C 52 -0.03 -7.27 -6.55
N LEU C 53 0.28 -8.49 -6.15
CA LEU C 53 0.25 -9.58 -7.12
C LEU C 53 -1.18 -9.96 -7.49
N PHE C 54 -2.10 -9.94 -6.52
CA PHE C 54 -3.49 -10.20 -6.87
C PHE C 54 -3.99 -9.21 -7.91
N VAL C 55 -3.76 -7.93 -7.65
CA VAL C 55 -4.14 -6.87 -8.58
C VAL C 55 -3.47 -7.09 -9.92
N ASP C 56 -2.23 -7.56 -9.92
CA ASP C 56 -1.58 -7.87 -11.18
C ASP C 56 -2.27 -9.03 -11.87
N GLN C 57 -2.60 -10.09 -11.12
CA GLN C 57 -3.25 -11.25 -11.72
C GLN C 57 -4.63 -10.89 -12.25
N ILE C 58 -5.47 -10.29 -11.39
CA ILE C 58 -6.82 -9.87 -11.80
C ILE C 58 -6.77 -9.05 -13.08
N ARG C 59 -5.92 -8.04 -13.09
CA ARG C 59 -5.89 -7.10 -14.21
C ARG C 59 -5.49 -7.76 -15.53
N LYS C 60 -4.65 -8.80 -15.51
CA LYS C 60 -4.24 -9.43 -16.76
C LYS C 60 -5.33 -10.44 -17.10
N SER C 61 -6.45 -9.92 -17.62
CA SER C 61 -7.57 -10.76 -18.02
C SER C 61 -8.47 -9.98 -18.96
N HIS C 68 -13.97 -12.80 -14.55
CA HIS C 68 -12.72 -13.16 -13.89
C HIS C 68 -12.89 -13.50 -12.39
N ASP C 69 -14.14 -13.82 -11.99
CA ASP C 69 -14.56 -14.46 -10.73
C ASP C 69 -13.78 -14.15 -9.43
N GLY C 70 -12.55 -13.64 -9.51
CA GLY C 70 -11.82 -13.26 -8.32
C GLY C 70 -10.84 -14.27 -7.75
N ILE C 71 -10.66 -15.41 -8.37
CA ILE C 71 -9.75 -16.45 -7.86
C ILE C 71 -8.33 -16.25 -8.36
N CYS C 72 -7.42 -16.04 -7.41
CA CYS C 72 -5.99 -15.84 -7.66
C CYS C 72 -5.20 -16.97 -7.01
N GLU C 73 -3.90 -16.93 -7.26
CA GLU C 73 -3.00 -17.98 -6.81
C GLU C 73 -1.65 -17.32 -6.52
N ILE C 74 -0.95 -17.87 -5.53
CA ILE C 74 0.37 -17.36 -5.17
C ILE C 74 1.29 -18.57 -4.99
N HIS C 75 2.46 -18.54 -5.63
CA HIS C 75 3.49 -19.57 -5.49
C HIS C 75 4.59 -19.14 -4.53
N VAL C 76 4.89 -19.99 -3.56
CA VAL C 76 5.95 -19.76 -2.58
C VAL C 76 7.28 -19.43 -3.28
N ALA C 77 7.70 -20.28 -4.22
CA ALA C 77 9.04 -20.11 -4.79
C ALA C 77 9.18 -18.81 -5.59
N LYS C 78 8.09 -18.35 -6.21
CA LYS C 78 8.10 -17.06 -6.93
C LYS C 78 8.17 -15.87 -5.96
N TYR C 79 7.34 -15.91 -4.91
CA TYR C 79 7.35 -14.88 -3.87
C TYR C 79 8.73 -14.73 -3.27
N ALA C 80 9.38 -15.85 -2.94
CA ALA C 80 10.71 -15.75 -2.35
C ALA C 80 11.66 -15.06 -3.31
N GLU C 81 11.61 -15.41 -4.59
CA GLU C 81 12.52 -14.81 -5.56
C GLU C 81 12.21 -13.33 -5.80
N ILE C 82 10.93 -12.97 -5.83
CA ILE C 82 10.54 -11.59 -6.11
C ILE C 82 11.06 -10.66 -5.01
N PHE C 83 10.90 -11.05 -3.75
CA PHE C 83 11.21 -10.21 -2.61
C PHE C 83 12.51 -10.63 -1.90
N GLY C 84 13.34 -11.43 -2.58
CA GLY C 84 14.59 -11.92 -2.03
C GLY C 84 14.53 -12.58 -0.68
N LEU C 85 13.59 -13.51 -0.50
CA LEU C 85 13.48 -14.26 0.74
C LEU C 85 13.89 -15.71 0.54
N THR C 86 14.20 -16.36 1.65
CA THR C 86 14.35 -17.79 1.56
C THR C 86 12.97 -18.41 1.38
N SER C 87 12.99 -19.65 0.95
CA SER C 87 11.75 -20.40 0.81
C SER C 87 11.07 -20.56 2.15
N ALA C 88 11.85 -20.87 3.18
CA ALA C 88 11.29 -21.02 4.52
C ALA C 88 10.60 -19.74 5.00
N GLU C 89 11.31 -18.62 4.97
CA GLU C 89 10.71 -17.40 5.50
C GLU C 89 9.57 -16.88 4.61
N ALA C 90 9.66 -17.09 3.28
CA ALA C 90 8.52 -16.84 2.41
C ALA C 90 7.27 -17.59 2.87
N SER C 91 7.37 -18.92 3.06
CA SER C 91 6.27 -19.73 3.57
C SER C 91 5.65 -19.16 4.85
N LYS C 92 6.49 -18.78 5.82
CA LYS C 92 5.95 -18.16 7.02
C LYS C 92 5.16 -16.87 6.70
N ASP C 93 5.67 -16.03 5.78
CA ASP C 93 5.00 -14.75 5.53
C ASP C 93 3.63 -14.95 4.90
N ILE C 94 3.53 -15.76 3.83
CA ILE C 94 2.25 -16.03 3.17
C ILE C 94 1.23 -16.55 4.18
N ARG C 95 1.59 -17.60 4.92
CA ARG C 95 0.63 -18.23 5.82
C ARG C 95 0.08 -17.22 6.82
N GLN C 96 0.95 -16.43 7.43
CA GLN C 96 0.47 -15.54 8.48
C GLN C 96 -0.30 -14.35 7.90
N ALA C 97 0.17 -13.78 6.78
CA ALA C 97 -0.60 -12.78 6.05
C ALA C 97 -2.01 -13.29 5.77
N LEU C 98 -2.12 -14.53 5.28
CA LEU C 98 -3.38 -15.09 4.82
C LEU C 98 -4.37 -15.23 5.97
N LYS C 99 -3.91 -15.71 7.11
CA LYS C 99 -4.84 -15.84 8.24
C LYS C 99 -5.15 -14.52 8.90
N SER C 100 -4.38 -13.47 8.65
CA SER C 100 -4.70 -12.17 9.20
C SER C 100 -5.67 -11.38 8.33
N PHE C 101 -6.09 -11.93 7.17
CA PHE C 101 -7.10 -11.20 6.39
C PHE C 101 -8.49 -11.28 7.00
N ALA C 102 -8.77 -12.34 7.75
CA ALA C 102 -10.09 -12.58 8.32
C ALA C 102 -10.54 -11.37 9.12
N GLY C 103 -11.76 -10.91 8.83
CA GLY C 103 -12.27 -9.75 9.50
C GLY C 103 -11.80 -8.41 8.94
N LYS C 104 -10.77 -8.36 8.07
CA LYS C 104 -10.37 -7.07 7.49
C LYS C 104 -11.42 -6.56 6.50
N GLU C 105 -11.63 -5.25 6.46
CA GLU C 105 -12.69 -4.65 5.65
C GLU C 105 -12.12 -3.42 4.93
N VAL C 106 -12.78 -3.00 3.82
CA VAL C 106 -12.29 -1.91 2.98
C VAL C 106 -13.39 -0.90 2.79
N VAL C 107 -13.07 0.39 2.88
CA VAL C 107 -14.07 1.43 2.79
C VAL C 107 -13.74 2.38 1.64
N PHE C 108 -14.70 2.58 0.74
CA PHE C 108 -14.55 3.58 -0.31
C PHE C 108 -15.51 4.73 0.02
N TYR C 109 -14.95 5.93 0.15
CA TYR C 109 -15.68 7.11 0.62
C TYR C 109 -16.30 7.90 -0.53
N TYR C 121 -20.12 6.43 2.49
CA TYR C 121 -19.08 5.42 2.33
C TYR C 121 -19.60 3.99 2.19
N GLU C 122 -18.77 3.09 1.66
CA GLU C 122 -19.20 1.72 1.44
C GLU C 122 -18.07 0.74 1.75
N SER C 123 -18.40 -0.24 2.59
CA SER C 123 -17.48 -1.24 3.13
C SER C 123 -17.71 -2.64 2.55
N PHE C 124 -16.60 -3.34 2.27
CA PHE C 124 -16.56 -4.68 1.70
C PHE C 124 -15.50 -5.52 2.43
N PRO C 125 -15.71 -6.84 2.53
CA PRO C 125 -14.63 -7.74 2.96
C PRO C 125 -13.71 -8.11 1.79
N TRP C 126 -12.42 -8.26 2.11
CA TRP C 126 -11.47 -8.65 1.06
C TRP C 126 -11.75 -10.06 0.57
N PHE C 127 -11.86 -11.03 1.50
CA PHE C 127 -12.05 -12.45 1.19
C PHE C 127 -13.45 -12.90 1.59
N ILE C 128 -14.03 -13.78 0.79
CA ILE C 128 -15.34 -14.35 1.04
C ILE C 128 -15.29 -15.84 1.27
N LYS C 129 -14.11 -16.42 1.31
CA LYS C 129 -13.87 -17.82 1.62
C LYS C 129 -12.44 -17.92 2.13
N PRO C 130 -12.16 -18.81 3.07
CA PRO C 130 -10.77 -18.96 3.52
C PRO C 130 -9.83 -19.39 2.38
N ALA C 131 -8.57 -19.01 2.52
CA ALA C 131 -7.52 -19.51 1.63
C ALA C 131 -7.26 -21.00 1.88
N HIS C 132 -6.65 -21.66 0.89
CA HIS C 132 -6.34 -23.08 1.02
C HIS C 132 -5.24 -23.47 0.03
N SER C 133 -4.53 -24.57 0.36
CA SER C 133 -3.38 -25.05 -0.43
C SER C 133 -3.70 -26.37 -1.13
N PRO C 134 -3.94 -26.36 -2.44
CA PRO C 134 -4.14 -27.65 -3.12
C PRO C 134 -2.85 -28.43 -3.26
N SER C 135 -1.74 -27.76 -3.58
CA SER C 135 -0.50 -28.47 -3.78
C SER C 135 0.47 -27.84 -2.81
N ARG C 136 1.45 -28.62 -2.43
CA ARG C 136 2.47 -28.14 -1.54
C ARG C 136 3.20 -26.99 -2.21
N GLY C 137 3.32 -25.84 -1.54
CA GLY C 137 3.98 -24.67 -2.12
C GLY C 137 3.13 -23.74 -2.95
N LEU C 138 1.82 -23.87 -2.84
CA LEU C 138 0.86 -23.18 -3.70
C LEU C 138 -0.31 -22.80 -2.82
N TYR C 139 -0.77 -21.56 -2.94
CA TYR C 139 -1.97 -21.17 -2.21
C TYR C 139 -2.99 -20.61 -3.20
N SER C 140 -4.25 -20.95 -2.95
CA SER C 140 -5.37 -20.50 -3.76
C SER C 140 -6.29 -19.64 -2.88
N VAL C 141 -6.66 -18.47 -3.42
CA VAL C 141 -7.39 -17.45 -2.69
C VAL C 141 -8.57 -16.93 -3.50
N HIS C 142 -9.61 -16.51 -2.80
CA HIS C 142 -10.89 -16.02 -3.33
C HIS C 142 -11.13 -14.56 -2.92
N ILE C 143 -10.68 -13.63 -3.76
CA ILE C 143 -10.93 -12.22 -3.55
C ILE C 143 -12.41 -11.94 -3.82
N ASN C 144 -13.02 -11.09 -3.00
CA ASN C 144 -14.40 -10.62 -3.18
C ASN C 144 -14.60 -10.12 -4.61
N PRO C 145 -15.35 -10.84 -5.47
CA PRO C 145 -15.55 -10.37 -6.85
C PRO C 145 -16.19 -8.99 -7.00
N TYR C 146 -16.92 -8.50 -6.00
CA TYR C 146 -17.43 -7.13 -6.04
C TYR C 146 -16.35 -6.06 -5.94
N LEU C 147 -15.11 -6.43 -5.60
CA LEU C 147 -14.01 -5.48 -5.54
C LEU C 147 -13.39 -5.20 -6.90
N ILE C 148 -13.62 -6.09 -7.89
CA ILE C 148 -13.01 -5.92 -9.20
C ILE C 148 -13.16 -4.53 -9.74
N PRO C 149 -14.36 -3.94 -9.81
CA PRO C 149 -14.46 -2.62 -10.41
C PRO C 149 -13.67 -1.57 -9.64
N PHE C 150 -13.47 -1.76 -8.33
CA PHE C 150 -12.62 -0.83 -7.58
C PHE C 150 -11.15 -1.01 -7.88
N PHE C 151 -10.72 -2.19 -8.32
CA PHE C 151 -9.31 -2.38 -8.67
C PHE C 151 -8.99 -1.77 -10.02
N ILE C 152 -9.88 -1.91 -10.99
CA ILE C 152 -9.65 -1.47 -12.35
C ILE C 152 -10.63 -0.37 -12.75
N ARG C 157 -7.97 8.24 -14.44
CA ARG C 157 -8.23 8.36 -13.01
C ARG C 157 -7.52 7.23 -12.29
N PHE C 158 -6.21 7.12 -12.45
CA PHE C 158 -5.53 5.94 -11.96
C PHE C 158 -4.11 6.27 -11.48
N THR C 159 -3.55 5.33 -10.71
CA THR C 159 -2.24 5.40 -10.08
C THR C 159 -1.40 4.24 -10.60
N GLN C 160 -0.11 4.49 -10.82
CA GLN C 160 0.78 3.45 -11.36
C GLN C 160 2.22 3.59 -10.88
N PHE C 161 2.86 2.45 -10.69
CA PHE C 161 4.24 2.37 -10.19
C PHE C 161 4.75 1.00 -10.56
N ARG C 162 6.06 0.94 -10.75
CA ARG C 162 6.74 -0.28 -11.05
C ARG C 162 6.96 -1.00 -9.71
N LEU C 163 6.86 -2.33 -9.71
CA LEU C 163 6.83 -3.04 -8.43
C LEU C 163 8.17 -2.97 -7.69
N SER C 164 9.27 -2.87 -8.43
CA SER C 164 10.60 -2.71 -7.83
C SER C 164 10.75 -1.42 -7.02
N GLU C 165 9.91 -0.41 -7.28
CA GLU C 165 9.96 0.85 -6.56
C GLU C 165 9.60 0.71 -5.08
N THR C 166 8.75 -0.26 -4.73
CA THR C 166 8.22 -0.35 -3.39
C THR C 166 8.67 -1.60 -2.65
N LYS C 167 9.37 -2.52 -3.30
CA LYS C 167 9.53 -3.81 -2.64
C LYS C 167 10.59 -3.82 -1.57
N GLU C 168 11.40 -2.78 -1.43
CA GLU C 168 12.33 -2.76 -0.32
C GLU C 168 11.82 -1.93 0.87
N ILE C 169 10.71 -1.21 0.70
CA ILE C 169 10.10 -0.47 1.79
C ILE C 169 9.63 -1.50 2.81
N THR C 170 9.84 -1.18 4.10
CA THR C 170 9.45 -2.07 5.17
C THR C 170 8.16 -1.65 5.87
N ASN C 171 8.03 -0.37 6.23
CA ASN C 171 6.87 0.14 7.00
C ASN C 171 5.64 0.27 6.11
N PRO C 172 4.50 -0.34 6.45
CA PRO C 172 3.34 -0.28 5.53
C PRO C 172 2.78 1.10 5.33
N TYR C 173 2.84 1.95 6.36
CA TYR C 173 2.42 3.34 6.19
C TYR C 173 3.28 4.08 5.19
N ALA C 174 4.56 3.73 5.09
CA ALA C 174 5.40 4.35 4.06
C ALA C 174 5.05 3.82 2.67
N MET C 175 4.63 2.54 2.55
CA MET C 175 4.06 2.12 1.28
C MET C 175 2.83 2.94 0.94
N ARG C 176 1.95 3.20 1.93
N ARG C 176 1.97 3.24 1.92
CA ARG C 176 0.77 4.00 1.62
CA ARG C 176 0.76 4.00 1.60
C ARG C 176 1.15 5.38 1.08
C ARG C 176 1.11 5.40 1.12
N LEU C 177 2.04 6.08 1.80
CA LEU C 177 2.42 7.43 1.41
C LEU C 177 3.01 7.44 -0.01
N TYR C 178 3.85 6.46 -0.34
CA TYR C 178 4.45 6.42 -1.68
C TYR C 178 3.39 6.14 -2.75
N GLU C 179 2.33 5.41 -2.43
CA GLU C 179 1.28 5.18 -3.42
C GLU C 179 0.50 6.46 -3.66
N SER C 180 0.25 7.22 -2.61
N SER C 180 0.25 7.22 -2.60
CA SER C 180 -0.55 8.41 -2.77
CA SER C 180 -0.53 8.44 -2.74
C SER C 180 0.23 9.52 -3.47
C SER C 180 0.23 9.49 -3.51
N LEU C 181 1.57 9.48 -3.42
CA LEU C 181 2.37 10.45 -4.15
C LEU C 181 2.43 10.09 -5.64
N CYS C 182 2.54 8.78 -5.95
CA CYS C 182 2.56 8.32 -7.34
C CYS C 182 1.31 8.78 -8.08
N GLN C 183 0.16 8.77 -7.40
CA GLN C 183 -1.10 9.24 -7.98
C GLN C 183 -0.98 10.65 -8.56
N TYR C 184 -0.02 11.45 -8.10
CA TYR C 184 0.15 12.81 -8.59
C TYR C 184 1.40 12.98 -9.43
N ARG C 185 2.10 11.91 -9.75
CA ARG C 185 3.36 12.05 -10.45
C ARG C 185 3.15 12.47 -11.92
N LYS C 186 4.10 13.25 -12.44
CA LYS C 186 4.08 13.61 -13.84
C LYS C 186 4.98 12.65 -14.60
N PRO C 187 4.77 12.52 -15.93
CA PRO C 187 5.61 11.63 -16.78
C PRO C 187 7.10 11.71 -16.51
N ASP C 188 7.57 12.94 -16.44
CA ASP C 188 8.98 13.23 -16.26
C ASP C 188 9.48 12.80 -14.87
N GLY C 189 8.63 12.80 -13.85
CA GLY C 189 8.97 12.10 -12.62
C GLY C 189 8.89 12.86 -11.32
N SER C 190 8.35 14.07 -11.39
CA SER C 190 8.23 15.02 -10.29
C SER C 190 6.76 15.20 -9.94
N GLY C 191 6.53 15.84 -8.79
CA GLY C 191 5.16 16.21 -8.45
C GLY C 191 5.12 17.03 -7.17
N ILE C 192 3.91 17.50 -6.87
CA ILE C 192 3.64 18.30 -5.69
C ILE C 192 2.17 18.10 -5.27
N VAL C 193 1.95 17.88 -3.97
CA VAL C 193 0.60 17.61 -3.45
C VAL C 193 0.49 18.00 -1.97
N SER C 194 -0.70 18.46 -1.57
CA SER C 194 -1.01 18.82 -0.19
C SER C 194 -2.01 17.82 0.40
N LEU C 195 -1.59 17.08 1.41
CA LEU C 195 -2.46 16.11 2.06
C LEU C 195 -2.89 16.64 3.43
N LYS C 196 -4.17 16.51 3.72
CA LYS C 196 -4.71 16.98 4.98
C LYS C 196 -4.42 15.96 6.09
N ILE C 197 -4.09 16.46 7.29
CA ILE C 197 -3.62 15.56 8.34
C ILE C 197 -4.74 14.60 8.78
N ASP C 198 -5.96 15.10 9.01
CA ASP C 198 -7.06 14.20 9.35
C ASP C 198 -7.32 13.16 8.27
N TRP C 199 -7.20 13.55 7.00
CA TRP C 199 -7.44 12.60 5.93
C TRP C 199 -6.35 11.51 5.92
N ILE C 200 -5.09 11.88 6.22
CA ILE C 200 -4.05 10.87 6.40
C ILE C 200 -4.46 9.89 7.51
N ILE C 201 -4.97 10.44 8.62
CA ILE C 201 -5.32 9.64 9.78
C ILE C 201 -6.51 8.74 9.51
N GLU C 202 -7.47 9.22 8.70
N GLU C 202 -7.47 9.21 8.70
CA GLU C 202 -8.68 8.46 8.37
CA GLU C 202 -8.66 8.40 8.43
C GLU C 202 -8.41 7.37 7.34
C GLU C 202 -8.44 7.37 7.32
N ARG C 203 -7.61 7.67 6.31
CA ARG C 203 -7.38 6.72 5.21
C ARG C 203 -6.31 5.71 5.53
N TYR C 204 -5.21 6.14 6.15
CA TYR C 204 -4.18 5.18 6.46
C TYR C 204 -4.42 4.51 7.80
N GLN C 205 -5.44 4.95 8.55
N GLN C 205 -5.45 4.93 8.55
CA GLN C 205 -5.85 4.34 9.81
CA GLN C 205 -5.82 4.28 9.81
C GLN C 205 -4.70 4.27 10.80
C GLN C 205 -4.67 4.26 10.80
N LEU C 206 -4.01 5.40 10.95
CA LEU C 206 -2.94 5.55 11.90
C LEU C 206 -3.44 5.17 13.27
N PRO C 207 -2.59 4.64 14.14
CA PRO C 207 -3.06 4.25 15.48
C PRO C 207 -3.34 5.49 16.30
N GLN C 208 -4.09 5.29 17.38
CA GLN C 208 -4.77 6.43 18.00
C GLN C 208 -3.83 7.49 18.54
N SER C 209 -2.68 7.09 19.09
CA SER C 209 -1.74 8.07 19.63
C SER C 209 -1.09 8.99 18.58
N TYR C 210 -1.25 8.73 17.27
CA TYR C 210 -0.66 9.70 16.32
C TYR C 210 -1.58 10.88 16.10
N GLN C 211 -2.71 10.93 16.79
CA GLN C 211 -3.50 12.16 16.92
C GLN C 211 -2.83 13.22 17.79
N ARG C 212 -1.79 12.88 18.56
CA ARG C 212 -0.96 13.89 19.19
C ARG C 212 0.16 14.26 18.20
N MET C 213 0.19 15.50 17.74
CA MET C 213 1.09 15.85 16.63
C MET C 213 2.56 15.51 16.90
N PRO C 214 3.12 15.71 18.10
CA PRO C 214 4.54 15.33 18.26
C PRO C 214 4.78 13.85 18.03
N ASP C 215 3.83 12.97 18.36
CA ASP C 215 4.01 11.55 18.01
C ASP C 215 3.81 11.31 16.51
N PHE C 216 2.87 12.02 15.88
CA PHE C 216 2.71 11.93 14.44
C PHE C 216 4.02 12.26 13.70
N ARG C 217 4.68 13.36 14.08
CA ARG C 217 5.97 13.71 13.46
C ARG C 217 7.00 12.59 13.64
N ARG C 218 7.18 12.13 14.88
CA ARG C 218 8.35 11.32 15.23
C ARG C 218 8.23 9.88 14.75
N ARG C 219 7.05 9.26 14.85
CA ARG C 219 6.92 7.83 14.59
C ARG C 219 6.29 7.53 13.23
N PHE C 220 5.72 8.53 12.55
CA PHE C 220 5.15 8.30 11.21
C PHE C 220 5.81 9.12 10.11
N LEU C 221 5.71 10.46 10.17
CA LEU C 221 6.14 11.33 9.06
C LEU C 221 7.64 11.22 8.80
N GLN C 222 8.45 11.51 9.80
CA GLN C 222 9.89 11.48 9.57
C GLN C 222 10.35 10.09 9.16
N VAL C 223 9.81 9.03 9.77
CA VAL C 223 10.35 7.73 9.43
C VAL C 223 10.05 7.40 7.97
N CYS C 224 8.81 7.68 7.54
CA CYS C 224 8.38 7.29 6.21
C CYS C 224 8.97 8.17 5.13
N VAL C 225 9.21 9.45 5.43
CA VAL C 225 9.95 10.26 4.47
C VAL C 225 11.37 9.72 4.33
N ASN C 226 11.94 9.18 5.42
N ASN C 226 11.92 9.18 5.42
CA ASN C 226 13.31 8.71 5.33
CA ASN C 226 13.29 8.68 5.38
C ASN C 226 13.40 7.37 4.57
C ASN C 226 13.40 7.38 4.57
N GLU C 227 12.51 6.41 4.84
CA GLU C 227 12.50 5.19 4.04
C GLU C 227 12.40 5.48 2.56
N ILE C 228 11.43 6.30 2.18
CA ILE C 228 11.27 6.67 0.78
C ILE C 228 12.57 7.23 0.21
N ASN C 229 13.19 8.16 0.94
CA ASN C 229 14.45 8.71 0.48
C ASN C 229 15.58 7.68 0.45
N SER C 230 15.48 6.62 1.24
CA SER C 230 16.56 5.64 1.32
C SER C 230 16.29 4.37 0.53
N ARG C 231 15.04 4.10 0.17
CA ARG C 231 14.65 2.79 -0.35
C ARG C 231 13.95 2.83 -1.70
N THR C 232 13.61 4.02 -2.22
CA THR C 232 12.97 4.17 -3.51
C THR C 232 13.83 5.08 -4.39
N PRO C 233 13.55 5.18 -5.69
CA PRO C 233 14.28 6.15 -6.51
C PRO C 233 13.78 7.59 -6.41
N MET C 234 12.85 7.91 -5.53
N MET C 234 12.90 7.87 -5.45
CA MET C 234 12.42 9.30 -5.49
CA MET C 234 12.29 9.18 -5.25
C MET C 234 13.02 10.03 -4.30
C MET C 234 13.08 10.02 -4.26
N ARG C 235 13.04 11.34 -4.44
CA ARG C 235 13.67 12.27 -3.51
C ARG C 235 12.58 13.23 -3.06
N LEU C 236 12.28 13.19 -1.76
CA LEU C 236 11.05 13.73 -1.21
C LEU C 236 11.39 14.78 -0.17
N SER C 237 10.66 15.91 -0.19
CA SER C 237 10.77 16.94 0.83
C SER C 237 9.36 17.36 1.22
N TYR C 238 9.25 18.10 2.32
CA TYR C 238 7.91 18.49 2.75
C TYR C 238 8.02 19.73 3.61
N ILE C 239 6.87 20.36 3.85
CA ILE C 239 6.80 21.52 4.74
C ILE C 239 5.43 21.50 5.39
N GLU C 240 5.34 22.08 6.58
CA GLU C 240 4.11 22.00 7.34
C GLU C 240 3.29 23.26 7.10
N LYS C 241 1.99 23.07 6.91
CA LYS C 241 1.08 24.16 6.75
C LYS C 241 0.37 24.28 8.07
N LYS C 242 0.31 25.46 8.58
CA LYS C 242 -0.26 25.69 9.89
C LYS C 242 -1.46 26.62 9.81
N LYS C 243 -2.30 26.55 10.81
CA LYS C 243 -3.39 27.51 10.94
C LYS C 243 -3.57 27.79 12.41
N GLY C 244 -3.16 28.95 12.86
CA GLY C 244 -3.15 29.20 14.29
C GLY C 244 -2.13 28.35 14.98
N ARG C 245 -2.49 27.67 16.08
CA ARG C 245 -1.54 26.75 16.71
C ARG C 245 -1.53 25.36 16.10
N GLN C 246 -2.56 25.00 15.34
CA GLN C 246 -2.68 23.68 14.80
C GLN C 246 -2.00 23.54 13.42
N THR C 247 -1.34 22.40 13.22
CA THR C 247 -0.79 22.04 11.92
C THR C 247 -1.86 21.24 11.21
N THR C 248 -2.23 21.66 10.01
CA THR C 248 -3.39 21.10 9.34
C THR C 248 -3.09 20.25 8.12
N HIS C 249 -2.08 20.62 7.31
CA HIS C 249 -1.75 19.86 6.12
C HIS C 249 -0.25 19.63 6.05
N ILE C 250 0.14 18.70 5.20
CA ILE C 250 1.55 18.53 4.86
C ILE C 250 1.68 18.68 3.35
N VAL C 251 2.65 19.49 2.91
CA VAL C 251 2.85 19.78 1.50
C VAL C 251 4.08 19.03 1.06
N PHE C 252 3.88 18.11 0.13
CA PHE C 252 4.92 17.24 -0.36
C PHE C 252 5.38 17.72 -1.72
N SER C 253 6.69 17.84 -1.90
CA SER C 253 7.29 18.00 -3.22
C SER C 253 8.28 16.88 -3.47
N PHE C 254 8.35 16.43 -4.70
CA PHE C 254 9.28 15.36 -4.97
C PHE C 254 9.72 15.46 -6.40
N ARG C 255 10.88 14.84 -6.55
CA ARG C 255 11.61 14.64 -7.77
C ARG C 255 12.17 13.23 -7.97
N ASP C 256 12.63 12.92 -9.20
CA ASP C 256 13.18 11.60 -9.53
C ASP C 256 14.69 11.67 -9.76
N ILE C 257 15.40 10.63 -9.33
CA ILE C 257 16.84 10.58 -9.52
C ILE C 257 17.24 10.06 -10.93
MG MG D . 5.61 31.69 40.66
MG MG E . 16.54 22.51 32.03
MG MG F . 4.09 25.63 32.56
MG MG G . 8.81 -12.53 8.17
#